data_3PAX
#
_entry.id   3PAX
#
_cell.length_a   58.930
_cell.length_b   64.310
_cell.length_c   96.030
_cell.angle_alpha   90.00
_cell.angle_beta   90.00
_cell.angle_gamma   90.00
#
_symmetry.space_group_name_H-M   'P 21 21 21'
#
loop_
_entity.id
_entity.type
_entity.pdbx_description
1 polymer 'POLY(ADP-RIBOSE) POLYMERASE'
2 non-polymer 3-METHOXYBENZAMIDE
3 water water
#
_entity_poly.entity_id   1
_entity_poly.type   'polypeptide(L)'
_entity_poly.pdbx_seq_one_letter_code
;ALTVSAGTKSKLAKPIQDLIKMIFDVESMKKAMVEFEIDLQKMPLGKLSKRQIQSAYSILNEVQQAVSDGGSESQILDLS
NRFYTLIPHDFGMKKPPLLSNLEYIQAKVQMLDNLLDIEVAYSLLRGGNEDGDKDPIDINYEKLRTDIKVVDKDSEEAKI
IKQYVKNTHAATHNAYDLKVVEIFRIEREGESQRYKPFKQLHNRQLLWHGSRTTNFAGILSQGLRIAPPEAPVTGYMFGK
GIYFADMVSKSANYCHTSQADPIGLILLGEVALGNMYELKNASHITKLPKGKHSVKGLGKTAPDPTATTTLDGVEVPLGN
GISTGINDTCLLYNEYIVYDVAQVNLKYLLKLKFNYKTSLW
;
_entity_poly.pdbx_strand_id   A
#
loop_
_chem_comp.id
_chem_comp.type
_chem_comp.name
_chem_comp.formula
3MB non-polymer 3-METHOXYBENZAMIDE 'C8 H9 N O2'
#
# COMPACT_ATOMS: atom_id res chain seq x y z
N LYS A 9 -15.59 -20.06 21.21
CA LYS A 9 -14.62 -20.15 20.08
C LYS A 9 -15.06 -19.45 18.80
N SER A 10 -14.10 -19.28 17.90
CA SER A 10 -14.29 -18.60 16.61
C SER A 10 -15.18 -19.34 15.63
N LYS A 11 -16.09 -18.59 15.02
CA LYS A 11 -17.02 -19.13 14.03
C LYS A 11 -16.39 -19.08 12.60
N LEU A 12 -15.38 -18.22 12.45
CA LEU A 12 -14.66 -18.03 11.19
C LEU A 12 -13.87 -19.26 10.76
N ALA A 13 -13.62 -19.38 9.45
CA ALA A 13 -12.84 -20.48 8.93
C ALA A 13 -11.40 -20.23 9.41
N LYS A 14 -10.63 -21.31 9.50
CA LYS A 14 -9.24 -21.23 9.96
C LYS A 14 -8.39 -20.22 9.19
N PRO A 15 -8.38 -20.28 7.84
CA PRO A 15 -7.57 -19.33 7.06
C PRO A 15 -7.78 -17.87 7.46
N ILE A 16 -9.04 -17.52 7.72
CA ILE A 16 -9.47 -16.17 8.13
C ILE A 16 -9.02 -15.84 9.56
N GLN A 17 -9.07 -16.85 10.43
CA GLN A 17 -8.60 -16.71 11.79
C GLN A 17 -7.11 -16.41 11.74
N ASP A 18 -6.36 -17.20 10.97
CA ASP A 18 -4.92 -16.97 10.83
C ASP A 18 -4.61 -15.62 10.23
N LEU A 19 -5.51 -15.14 9.37
CA LEU A 19 -5.33 -13.85 8.74
C LEU A 19 -5.50 -12.72 9.79
N ILE A 20 -6.54 -12.81 10.62
CA ILE A 20 -6.81 -11.80 11.65
C ILE A 20 -5.67 -11.72 12.69
N LYS A 21 -5.19 -12.87 13.13
CA LYS A 21 -4.11 -12.93 14.09
C LYS A 21 -2.90 -12.22 13.49
N MET A 22 -2.65 -12.47 12.21
CA MET A 22 -1.53 -11.87 11.53
C MET A 22 -1.60 -10.36 11.36
N ILE A 23 -2.77 -9.84 10.99
CA ILE A 23 -2.86 -8.41 10.81
C ILE A 23 -2.92 -7.62 12.09
N PHE A 24 -3.28 -8.29 13.19
CA PHE A 24 -3.33 -7.61 14.47
C PHE A 24 -2.14 -7.96 15.39
N ASP A 25 -1.10 -8.58 14.83
CA ASP A 25 0.07 -8.98 15.61
C ASP A 25 0.86 -7.78 16.09
N VAL A 26 0.94 -7.61 17.40
CA VAL A 26 1.63 -6.47 17.98
C VAL A 26 3.13 -6.47 17.72
N GLU A 27 3.75 -7.64 17.71
CA GLU A 27 5.18 -7.73 17.52
C GLU A 27 5.60 -7.23 16.14
N SER A 28 4.73 -7.47 15.16
CA SER A 28 4.98 -7.03 13.80
C SER A 28 4.91 -5.49 13.75
N MET A 29 3.97 -4.90 14.50
CA MET A 29 3.87 -3.44 14.55
C MET A 29 5.18 -2.82 15.08
N LYS A 30 5.73 -3.38 16.16
CA LYS A 30 6.98 -2.87 16.72
C LYS A 30 8.16 -3.07 15.74
N LYS A 31 8.23 -4.25 15.12
CA LYS A 31 9.30 -4.54 14.18
C LYS A 31 9.28 -3.44 13.10
N ALA A 32 8.10 -3.12 12.56
CA ALA A 32 7.97 -2.07 11.54
C ALA A 32 8.56 -0.76 12.04
N MET A 33 8.17 -0.34 13.25
CA MET A 33 8.65 0.90 13.84
C MET A 33 10.14 0.90 14.12
N VAL A 34 10.67 -0.25 14.50
CA VAL A 34 12.10 -0.36 14.74
C VAL A 34 12.87 -0.22 13.41
N GLU A 35 12.28 -0.73 12.33
CA GLU A 35 12.89 -0.65 11.00
C GLU A 35 12.90 0.78 10.48
N PHE A 36 11.90 1.57 10.88
CA PHE A 36 11.82 2.98 10.49
C PHE A 36 12.73 3.78 11.40
N GLU A 37 13.41 3.07 12.31
CA GLU A 37 14.35 3.62 13.28
C GLU A 37 13.73 4.44 14.39
N ILE A 38 12.46 4.19 14.68
CA ILE A 38 11.83 4.92 15.77
C ILE A 38 12.39 4.37 17.07
N ASP A 39 12.42 5.22 18.09
CA ASP A 39 12.89 4.88 19.43
C ASP A 39 11.67 4.36 20.20
N LEU A 40 11.55 3.04 20.33
CA LEU A 40 10.41 2.42 21.00
C LEU A 40 10.34 2.66 22.50
N GLN A 41 11.49 3.04 23.06
CA GLN A 41 11.58 3.35 24.48
C GLN A 41 10.93 4.71 24.74
N LYS A 42 11.30 5.71 23.95
CA LYS A 42 10.72 7.05 24.05
C LYS A 42 9.38 7.13 23.34
N MET A 43 9.21 6.31 22.30
CA MET A 43 7.99 6.31 21.52
C MET A 43 7.34 4.93 21.38
N PRO A 44 6.57 4.54 22.39
CA PRO A 44 5.90 3.25 22.38
C PRO A 44 4.64 3.26 21.47
N LEU A 45 4.15 2.07 21.11
CA LEU A 45 2.98 1.96 20.27
C LEU A 45 1.79 2.79 20.80
N GLY A 46 1.63 2.82 22.11
CA GLY A 46 0.54 3.59 22.69
C GLY A 46 0.64 5.12 22.65
N LYS A 47 1.78 5.67 22.26
CA LYS A 47 1.96 7.12 22.20
C LYS A 47 1.55 7.71 20.86
N LEU A 48 1.50 6.86 19.83
CA LEU A 48 1.13 7.25 18.48
C LEU A 48 -0.26 7.85 18.40
N SER A 49 -0.36 9.07 17.89
CA SER A 49 -1.66 9.70 17.70
C SER A 49 -1.71 10.32 16.30
N LYS A 50 -2.91 10.44 15.75
CA LYS A 50 -3.13 11.03 14.42
C LYS A 50 -2.65 12.49 14.36
N ARG A 51 -2.98 13.29 15.38
CA ARG A 51 -2.57 14.68 15.45
C ARG A 51 -1.06 14.77 15.36
N GLN A 52 -0.40 13.86 16.07
CA GLN A 52 1.05 13.77 16.09
C GLN A 52 1.61 13.54 14.69
N ILE A 53 1.03 12.59 13.97
CA ILE A 53 1.45 12.24 12.62
C ILE A 53 1.22 13.39 11.62
N GLN A 54 0.09 14.09 11.77
CA GLN A 54 -0.23 15.24 10.90
C GLN A 54 0.83 16.31 11.05
N SER A 55 1.14 16.66 12.29
CA SER A 55 2.18 17.65 12.56
C SER A 55 3.49 17.27 11.91
N ALA A 56 3.85 16.00 12.00
CA ALA A 56 5.09 15.50 11.43
C ALA A 56 5.11 15.70 9.92
N TYR A 57 3.97 15.47 9.25
CA TYR A 57 3.88 15.67 7.80
C TYR A 57 4.14 17.13 7.45
N SER A 58 3.55 18.05 8.22
CA SER A 58 3.72 19.50 7.98
C SER A 58 5.16 19.93 8.09
N ILE A 59 5.84 19.36 9.08
CA ILE A 59 7.24 19.65 9.31
C ILE A 59 8.03 19.17 8.12
N LEU A 60 7.71 17.97 7.66
CA LEU A 60 8.39 17.40 6.49
C LEU A 60 8.10 18.24 5.24
N ASN A 61 6.90 18.77 5.18
CA ASN A 61 6.50 19.59 4.06
C ASN A 61 7.33 20.87 4.07
N GLU A 62 7.43 21.52 5.22
CA GLU A 62 8.23 22.74 5.33
C GLU A 62 9.72 22.53 5.04
N VAL A 63 10.30 21.47 5.60
CA VAL A 63 11.72 21.20 5.40
C VAL A 63 12.03 20.93 3.92
N GLN A 64 11.10 20.24 3.28
CA GLN A 64 11.16 19.91 1.85
C GLN A 64 11.19 21.23 1.07
N GLN A 65 10.34 22.18 1.45
CA GLN A 65 10.29 23.47 0.80
C GLN A 65 11.59 24.26 0.97
N ALA A 66 12.13 24.26 2.18
CA ALA A 66 13.36 24.96 2.50
C ALA A 66 14.59 24.39 1.79
N VAL A 67 14.60 23.08 1.52
CA VAL A 67 15.74 22.43 0.84
C VAL A 67 15.70 22.78 -0.63
N SER A 68 14.50 22.71 -1.21
CA SER A 68 14.29 23.04 -2.62
C SER A 68 14.60 24.50 -2.93
N ASP A 69 14.02 25.41 -2.16
CA ASP A 69 14.21 26.84 -2.35
C ASP A 69 15.42 27.48 -1.75
N GLY A 70 16.32 26.67 -1.20
CA GLY A 70 17.52 27.19 -0.55
C GLY A 70 17.25 28.02 0.70
N GLY A 71 16.49 27.48 1.67
CA GLY A 71 16.21 28.19 2.91
C GLY A 71 17.47 28.19 3.80
N SER A 72 17.47 28.95 4.89
CA SER A 72 18.64 28.98 5.79
C SER A 72 18.98 27.59 6.30
N GLU A 73 20.26 27.32 6.51
CA GLU A 73 20.65 26.02 7.07
C GLU A 73 20.12 25.99 8.52
N SER A 74 19.99 27.16 9.12
CA SER A 74 19.49 27.29 10.48
C SER A 74 18.02 26.86 10.51
N GLN A 75 17.33 27.11 9.42
CA GLN A 75 15.94 26.75 9.27
C GLN A 75 15.79 25.22 9.21
N ILE A 76 16.58 24.60 8.35
CA ILE A 76 16.60 23.16 8.15
C ILE A 76 16.99 22.41 9.44
N LEU A 77 17.89 23.00 10.22
CA LEU A 77 18.34 22.40 11.47
C LEU A 77 17.22 22.48 12.49
N ASP A 78 16.51 23.59 12.50
CA ASP A 78 15.45 23.74 13.47
C ASP A 78 14.30 22.79 13.13
N LEU A 79 14.01 22.66 11.84
CA LEU A 79 12.94 21.75 11.38
C LEU A 79 13.30 20.30 11.72
N SER A 80 14.57 19.92 11.53
CA SER A 80 15.03 18.56 11.86
C SER A 80 14.85 18.28 13.35
N ASN A 81 15.27 19.23 14.19
CA ASN A 81 15.15 19.08 15.63
C ASN A 81 13.70 18.93 16.05
N ARG A 82 12.81 19.70 15.46
CA ARG A 82 11.42 19.58 15.82
C ARG A 82 10.86 18.24 15.40
N PHE A 83 11.29 17.77 14.22
CA PHE A 83 10.83 16.48 13.71
C PHE A 83 11.26 15.31 14.61
N TYR A 84 12.54 15.28 14.98
CA TYR A 84 13.08 14.23 15.85
C TYR A 84 12.59 14.31 17.31
N THR A 85 12.07 15.46 17.70
CA THR A 85 11.54 15.65 19.03
C THR A 85 10.09 15.17 19.01
N LEU A 86 9.43 15.35 17.89
CA LEU A 86 8.05 14.92 17.73
C LEU A 86 8.03 13.39 17.59
N ILE A 87 8.95 12.85 16.78
CA ILE A 87 9.06 11.40 16.59
C ILE A 87 10.49 10.98 16.97
N PRO A 88 10.70 10.53 18.22
CA PRO A 88 12.01 10.10 18.72
C PRO A 88 12.58 8.93 17.89
N HIS A 89 13.84 9.09 17.48
CA HIS A 89 14.56 8.12 16.67
C HIS A 89 15.75 7.57 17.45
N ASP A 90 16.17 6.37 17.08
CA ASP A 90 17.29 5.70 17.69
C ASP A 90 18.24 5.33 16.56
N PHE A 91 19.33 6.10 16.47
CA PHE A 91 20.35 5.92 15.47
C PHE A 91 21.56 5.17 16.00
N GLY A 92 21.39 4.55 17.16
CA GLY A 92 22.48 3.81 17.76
C GLY A 92 23.68 4.69 18.09
N MET A 93 24.85 4.23 17.67
CA MET A 93 26.09 4.95 17.93
C MET A 93 26.41 6.00 16.88
N LYS A 94 25.51 6.22 15.94
CA LYS A 94 25.78 7.22 14.92
C LYS A 94 25.06 8.55 15.14
N LYS A 95 25.59 9.61 14.55
CA LYS A 95 24.99 10.92 14.68
C LYS A 95 23.73 10.93 13.82
N PRO A 96 22.66 11.58 14.30
CA PRO A 96 21.37 11.70 13.61
C PRO A 96 21.47 12.54 12.31
N PRO A 97 21.06 11.95 11.19
CA PRO A 97 21.14 12.69 9.93
C PRO A 97 20.11 13.82 9.86
N LEU A 98 20.52 14.95 9.26
CA LEU A 98 19.61 16.07 9.11
C LEU A 98 18.63 15.85 7.95
N LEU A 99 17.45 16.45 8.05
CA LEU A 99 16.44 16.35 7.02
C LEU A 99 16.83 17.39 5.98
N SER A 100 18.00 17.19 5.35
CA SER A 100 18.50 18.16 4.37
C SER A 100 18.70 17.56 3.00
N ASN A 101 18.44 16.27 2.90
CA ASN A 101 18.56 15.51 1.66
C ASN A 101 17.13 15.16 1.22
N LEU A 102 16.75 15.52 0.00
CA LEU A 102 15.40 15.22 -0.47
C LEU A 102 15.03 13.72 -0.46
N GLU A 103 16.02 12.85 -0.61
CA GLU A 103 15.76 11.41 -0.60
C GLU A 103 15.40 10.93 0.79
N TYR A 104 16.11 11.47 1.79
CA TYR A 104 15.89 11.13 3.20
C TYR A 104 14.51 11.62 3.66
N ILE A 105 14.10 12.79 3.17
CA ILE A 105 12.80 13.38 3.47
C ILE A 105 11.69 12.49 2.90
N GLN A 106 11.88 11.96 1.69
CA GLN A 106 10.92 11.06 1.05
C GLN A 106 10.81 9.78 1.85
N ALA A 107 11.93 9.29 2.38
CA ALA A 107 11.93 8.09 3.20
C ALA A 107 11.08 8.34 4.43
N LYS A 108 11.23 9.51 5.02
CA LYS A 108 10.48 9.86 6.22
C LYS A 108 8.98 10.07 5.95
N VAL A 109 8.65 10.52 4.74
CA VAL A 109 7.23 10.70 4.37
C VAL A 109 6.60 9.28 4.26
N GLN A 110 7.38 8.33 3.72
CA GLN A 110 6.93 6.93 3.56
C GLN A 110 6.66 6.32 4.93
N MET A 111 7.57 6.57 5.86
CA MET A 111 7.45 6.10 7.23
C MET A 111 6.12 6.56 7.85
N LEU A 112 5.79 7.85 7.69
CA LEU A 112 4.53 8.39 8.21
C LEU A 112 3.28 7.77 7.55
N ASP A 113 3.37 7.42 6.26
CA ASP A 113 2.24 6.78 5.57
C ASP A 113 1.95 5.47 6.32
N ASN A 114 3.01 4.79 6.75
CA ASN A 114 2.89 3.54 7.47
C ASN A 114 2.43 3.72 8.89
N LEU A 115 2.97 4.72 9.59
CA LEU A 115 2.56 4.98 10.96
C LEU A 115 1.06 5.28 11.05
N LEU A 116 0.50 5.82 9.97
CA LEU A 116 -0.93 6.14 9.89
C LEU A 116 -1.79 4.88 9.99
N ASP A 117 -1.31 3.81 9.37
CA ASP A 117 -2.05 2.56 9.38
C ASP A 117 -1.79 1.80 10.65
N ILE A 118 -0.57 1.87 11.14
CA ILE A 118 -0.23 1.16 12.38
C ILE A 118 -1.06 1.78 13.50
N GLU A 119 -1.13 3.11 13.54
CA GLU A 119 -1.91 3.79 14.55
C GLU A 119 -3.35 3.29 14.53
N VAL A 120 -3.92 3.10 13.34
CA VAL A 120 -5.29 2.60 13.23
C VAL A 120 -5.42 1.17 13.80
N ALA A 121 -4.48 0.30 13.43
CA ALA A 121 -4.46 -1.08 13.92
C ALA A 121 -4.45 -1.15 15.44
N TYR A 122 -3.54 -0.41 16.07
CA TYR A 122 -3.43 -0.41 17.53
C TYR A 122 -4.69 0.14 18.19
N SER A 123 -5.25 1.23 17.67
CA SER A 123 -6.45 1.78 18.26
C SER A 123 -7.57 0.80 18.26
N LEU A 124 -7.68 0.03 17.18
CA LEU A 124 -8.74 -0.96 17.06
C LEU A 124 -8.51 -2.13 17.99
N LEU A 125 -7.24 -2.53 18.10
CA LEU A 125 -6.85 -3.67 18.93
C LEU A 125 -7.17 -3.48 20.39
N ARG A 126 -7.10 -2.23 20.84
CA ARG A 126 -7.34 -1.88 22.23
C ARG A 126 -8.79 -1.39 22.43
N GLY A 127 -9.57 -1.39 21.35
CA GLY A 127 -10.96 -0.96 21.40
C GLY A 127 -11.91 -1.95 22.09
N GLY A 128 -13.20 -1.88 21.77
CA GLY A 128 -14.19 -2.76 22.39
C GLY A 128 -13.97 -4.26 22.39
N ASN A 129 -13.21 -4.74 23.37
CA ASN A 129 -12.88 -6.17 23.50
C ASN A 129 -13.44 -6.84 24.75
N GLU A 130 -14.27 -6.12 25.50
CA GLU A 130 -14.84 -6.66 26.76
C GLU A 130 -15.75 -7.88 26.62
N ASP A 131 -16.58 -7.89 25.57
CA ASP A 131 -17.51 -8.99 25.30
C ASP A 131 -16.87 -10.37 25.52
N GLY A 132 -17.44 -11.13 26.46
CA GLY A 132 -16.94 -12.45 26.77
C GLY A 132 -17.61 -13.55 25.96
N ASP A 133 -18.78 -13.25 25.39
CA ASP A 133 -19.52 -14.21 24.57
C ASP A 133 -18.97 -14.40 23.15
N LYS A 134 -17.96 -13.60 22.78
CA LYS A 134 -17.33 -13.69 21.45
C LYS A 134 -15.85 -14.06 21.62
N ASP A 135 -15.30 -14.82 20.67
CA ASP A 135 -13.89 -15.20 20.71
C ASP A 135 -13.13 -13.92 20.30
N PRO A 136 -11.93 -13.68 20.86
CA PRO A 136 -11.11 -12.48 20.55
C PRO A 136 -10.98 -12.24 19.03
N ILE A 137 -10.68 -13.32 18.29
CA ILE A 137 -10.56 -13.28 16.84
C ILE A 137 -11.85 -12.71 16.22
N ASP A 138 -13.00 -13.26 16.62
CA ASP A 138 -14.29 -12.83 16.10
C ASP A 138 -14.54 -11.36 16.38
N ILE A 139 -14.15 -10.89 17.55
CA ILE A 139 -14.35 -9.49 17.88
C ILE A 139 -13.53 -8.55 16.99
N ASN A 140 -12.27 -8.90 16.77
CA ASN A 140 -11.38 -8.09 15.93
C ASN A 140 -11.79 -8.12 14.46
N TYR A 141 -12.32 -9.25 14.01
CA TYR A 141 -12.77 -9.40 12.64
C TYR A 141 -13.89 -8.39 12.41
N GLU A 142 -14.83 -8.35 13.33
CA GLU A 142 -15.96 -7.44 13.21
C GLU A 142 -15.54 -6.00 13.23
N LYS A 143 -14.39 -5.74 13.84
CA LYS A 143 -13.85 -4.39 13.88
C LYS A 143 -13.40 -3.92 12.50
N LEU A 144 -13.14 -4.87 11.61
CA LEU A 144 -12.71 -4.54 10.26
C LEU A 144 -13.86 -4.10 9.35
N ARG A 145 -15.10 -4.40 9.72
CA ARG A 145 -16.28 -4.04 8.93
C ARG A 145 -16.11 -4.40 7.46
N THR A 146 -15.52 -5.58 7.25
CA THR A 146 -15.21 -6.09 5.94
C THR A 146 -15.59 -7.55 5.94
N ASP A 147 -16.50 -7.92 5.05
CA ASP A 147 -16.89 -9.31 4.95
C ASP A 147 -15.76 -10.03 4.20
N ILE A 148 -15.14 -11.04 4.82
CA ILE A 148 -14.06 -11.78 4.20
C ILE A 148 -14.48 -13.23 3.98
N LYS A 149 -14.22 -13.74 2.77
CA LYS A 149 -14.59 -15.10 2.40
C LYS A 149 -13.45 -15.80 1.69
N VAL A 150 -13.31 -17.10 1.94
CA VAL A 150 -12.24 -17.87 1.29
C VAL A 150 -12.67 -18.28 -0.11
N VAL A 151 -11.82 -18.00 -1.08
CA VAL A 151 -12.12 -18.36 -2.45
C VAL A 151 -11.63 -19.78 -2.65
N ASP A 152 -12.54 -20.61 -3.18
CA ASP A 152 -12.26 -22.01 -3.48
C ASP A 152 -11.10 -22.13 -4.44
N LYS A 153 -10.04 -22.76 -3.96
CA LYS A 153 -8.80 -22.96 -4.70
C LYS A 153 -8.96 -23.51 -6.11
N ASP A 154 -10.01 -24.30 -6.34
CA ASP A 154 -10.22 -24.91 -7.63
C ASP A 154 -11.21 -24.22 -8.55
N SER A 155 -11.91 -23.21 -8.03
CA SER A 155 -12.89 -22.48 -8.85
C SER A 155 -12.22 -21.67 -9.97
N GLU A 156 -13.03 -21.18 -10.91
CA GLU A 156 -12.48 -20.43 -12.02
C GLU A 156 -11.81 -19.12 -11.60
N GLU A 157 -12.42 -18.47 -10.61
CA GLU A 157 -11.94 -17.23 -10.02
C GLU A 157 -10.49 -17.39 -9.55
N ALA A 158 -10.24 -18.47 -8.81
CA ALA A 158 -8.92 -18.78 -8.28
C ALA A 158 -7.93 -19.10 -9.38
N LYS A 159 -8.39 -19.80 -10.40
CA LYS A 159 -7.53 -20.19 -11.52
C LYS A 159 -7.03 -18.94 -12.22
N ILE A 160 -7.93 -18.03 -12.54
CA ILE A 160 -7.56 -16.79 -13.23
C ILE A 160 -6.54 -16.00 -12.40
N ILE A 161 -6.81 -15.86 -11.10
CA ILE A 161 -5.92 -15.13 -10.20
C ILE A 161 -4.53 -15.79 -10.08
N LYS A 162 -4.49 -17.12 -10.05
CA LYS A 162 -3.19 -17.81 -9.98
C LYS A 162 -2.40 -17.60 -11.28
N GLN A 163 -3.14 -17.44 -12.38
CA GLN A 163 -2.57 -17.20 -13.69
C GLN A 163 -1.98 -15.80 -13.74
N TYR A 164 -2.70 -14.86 -13.14
CA TYR A 164 -2.27 -13.46 -13.08
C TYR A 164 -0.98 -13.37 -12.29
N VAL A 165 -0.89 -14.14 -11.20
CA VAL A 165 0.31 -14.15 -10.36
C VAL A 165 1.51 -14.76 -11.08
N LYS A 166 1.32 -15.95 -11.62
CA LYS A 166 2.39 -16.65 -12.34
C LYS A 166 2.91 -15.87 -13.55
N ASN A 167 2.03 -15.52 -14.48
CA ASN A 167 2.43 -14.82 -15.69
C ASN A 167 3.06 -13.44 -15.52
N THR A 168 2.55 -12.63 -14.59
CA THR A 168 3.09 -11.27 -14.41
C THR A 168 4.26 -11.12 -13.43
N HIS A 169 5.00 -12.20 -13.18
CA HIS A 169 6.16 -12.13 -12.30
C HIS A 169 7.36 -11.76 -13.19
N ALA A 170 7.78 -10.50 -13.07
CA ALA A 170 8.89 -9.89 -13.83
C ALA A 170 10.22 -10.64 -13.81
N ALA A 171 11.07 -10.38 -14.82
CA ALA A 171 12.38 -11.02 -14.99
C ALA A 171 13.48 -10.54 -14.03
N THR A 172 13.52 -9.23 -13.81
CA THR A 172 14.51 -8.61 -12.92
C THR A 172 14.18 -8.80 -11.42
N HIS A 173 12.93 -9.15 -11.13
CA HIS A 173 12.46 -9.40 -9.77
C HIS A 173 12.54 -10.88 -9.41
N ASN A 174 13.26 -11.66 -10.23
CA ASN A 174 13.37 -13.09 -9.97
C ASN A 174 14.51 -13.47 -9.02
N ALA A 175 14.41 -12.83 -7.86
CA ALA A 175 15.29 -13.00 -6.72
C ALA A 175 14.45 -13.82 -5.72
N TYR A 176 13.22 -14.14 -6.12
CA TYR A 176 12.27 -14.91 -5.32
C TYR A 176 11.11 -15.41 -6.16
N ASP A 177 10.53 -16.53 -5.75
CA ASP A 177 9.36 -17.10 -6.42
C ASP A 177 8.20 -16.61 -5.59
N LEU A 178 6.99 -16.95 -6.03
CA LEU A 178 5.77 -16.53 -5.35
C LEU A 178 4.75 -17.67 -5.34
N LYS A 179 4.30 -18.05 -4.15
CA LYS A 179 3.27 -19.08 -4.09
C LYS A 179 2.06 -18.46 -3.44
N VAL A 180 0.91 -18.65 -4.09
CA VAL A 180 -0.33 -18.16 -3.57
C VAL A 180 -0.79 -19.16 -2.51
N VAL A 181 -0.71 -18.75 -1.24
CA VAL A 181 -1.11 -19.59 -0.11
C VAL A 181 -2.63 -19.59 0.11
N GLU A 182 -3.25 -18.44 -0.06
CA GLU A 182 -4.69 -18.32 0.14
C GLU A 182 -5.30 -17.09 -0.57
N ILE A 183 -6.52 -17.23 -1.09
CA ILE A 183 -7.18 -16.11 -1.77
C ILE A 183 -8.48 -15.81 -1.06
N PHE A 184 -8.68 -14.55 -0.70
CA PHE A 184 -9.90 -14.12 0.00
C PHE A 184 -10.67 -13.10 -0.81
N ARG A 185 -11.99 -13.26 -0.78
CA ARG A 185 -12.91 -12.34 -1.45
C ARG A 185 -13.30 -11.38 -0.31
N ILE A 186 -12.97 -10.10 -0.47
CA ILE A 186 -13.25 -9.10 0.54
C ILE A 186 -14.25 -8.07 0.05
N GLU A 187 -15.12 -7.62 0.94
CA GLU A 187 -16.11 -6.63 0.59
C GLU A 187 -16.29 -5.63 1.73
N ARG A 188 -15.57 -4.52 1.65
CA ARG A 188 -15.66 -3.49 2.68
C ARG A 188 -17.03 -2.83 2.72
N GLU A 189 -17.51 -2.60 3.94
CA GLU A 189 -18.80 -1.97 4.15
C GLU A 189 -18.87 -0.61 3.46
N GLY A 190 -19.97 -0.39 2.73
CA GLY A 190 -20.19 0.85 2.03
C GLY A 190 -19.32 1.15 0.83
N GLU A 191 -18.36 0.28 0.50
CA GLU A 191 -17.45 0.55 -0.62
C GLU A 191 -18.05 0.38 -1.98
N SER A 192 -18.80 -0.70 -2.19
CA SER A 192 -19.47 -0.93 -3.47
C SER A 192 -20.36 0.25 -3.79
N GLN A 193 -20.95 0.84 -2.75
CA GLN A 193 -21.85 1.97 -2.90
C GLN A 193 -21.14 3.26 -3.32
N ARG A 194 -20.02 3.59 -2.68
CA ARG A 194 -19.33 4.82 -3.07
C ARG A 194 -18.64 4.65 -4.41
N TYR A 195 -18.42 3.41 -4.80
CA TYR A 195 -17.78 3.15 -6.09
C TYR A 195 -18.79 3.13 -7.26
N LYS A 196 -20.07 2.93 -6.97
CA LYS A 196 -21.11 2.84 -8.00
C LYS A 196 -21.01 3.78 -9.19
N PRO A 197 -20.84 5.11 -8.97
CA PRO A 197 -20.73 6.08 -10.07
C PRO A 197 -19.68 5.77 -11.12
N PHE A 198 -18.61 5.09 -10.71
CA PHE A 198 -17.51 4.75 -11.61
C PHE A 198 -17.67 3.53 -12.47
N LYS A 199 -18.80 2.83 -12.35
CA LYS A 199 -19.06 1.68 -13.20
C LYS A 199 -19.47 2.22 -14.59
N GLN A 200 -19.71 3.54 -14.63
CA GLN A 200 -20.04 4.29 -15.85
C GLN A 200 -18.77 4.56 -16.65
N LEU A 201 -17.60 4.42 -16.02
CA LEU A 201 -16.35 4.62 -16.73
C LEU A 201 -15.92 3.36 -17.47
N HIS A 202 -15.15 3.56 -18.52
CA HIS A 202 -14.61 2.47 -19.30
C HIS A 202 -13.19 2.26 -18.74
N ASN A 203 -12.50 1.25 -19.26
CA ASN A 203 -11.12 0.96 -18.87
C ASN A 203 -10.99 0.65 -17.36
N ARG A 204 -11.90 -0.18 -16.87
CA ARG A 204 -11.89 -0.61 -15.49
C ARG A 204 -11.01 -1.85 -15.46
N GLN A 205 -9.97 -1.86 -14.63
CA GLN A 205 -9.07 -3.02 -14.58
C GLN A 205 -8.83 -3.56 -13.15
N LEU A 206 -8.42 -4.84 -13.08
CA LEU A 206 -8.10 -5.54 -11.83
C LEU A 206 -6.60 -5.42 -11.68
N LEU A 207 -6.20 -4.52 -10.78
CA LEU A 207 -4.80 -4.19 -10.55
C LEU A 207 -4.29 -4.59 -9.17
N TRP A 208 -2.97 -4.67 -9.07
CA TRP A 208 -2.30 -5.05 -7.84
C TRP A 208 -1.93 -3.92 -6.91
N HIS A 209 -2.00 -4.22 -5.61
CA HIS A 209 -1.59 -3.28 -4.57
C HIS A 209 -0.92 -4.00 -3.38
N GLY A 210 0.39 -3.83 -3.25
CA GLY A 210 1.13 -4.45 -2.17
C GLY A 210 1.35 -3.47 -1.03
N SER A 211 1.47 -3.98 0.19
CA SER A 211 1.69 -3.19 1.39
C SER A 211 2.15 -4.11 2.54
N ARG A 212 2.75 -3.54 3.59
CA ARG A 212 3.19 -4.34 4.74
C ARG A 212 1.99 -4.97 5.41
N THR A 213 2.19 -6.12 6.06
CA THR A 213 1.08 -6.78 6.76
C THR A 213 0.53 -5.88 7.87
N THR A 214 1.38 -5.00 8.40
CA THR A 214 1.00 -4.07 9.46
C THR A 214 0.03 -2.97 9.06
N ASN A 215 -0.17 -2.80 7.76
CA ASN A 215 -1.06 -1.75 7.25
C ASN A 215 -2.45 -2.24 6.95
N PHE A 216 -2.60 -3.56 6.96
CA PHE A 216 -3.86 -4.16 6.62
C PHE A 216 -5.09 -3.96 7.45
N ALA A 217 -4.94 -3.69 8.74
CA ALA A 217 -6.13 -3.43 9.55
C ALA A 217 -6.61 -2.02 9.15
N GLY A 218 -5.65 -1.16 8.81
CA GLY A 218 -5.99 0.18 8.38
C GLY A 218 -6.62 0.14 6.99
N ILE A 219 -6.00 -0.61 6.08
CA ILE A 219 -6.52 -0.75 4.72
C ILE A 219 -7.95 -1.32 4.73
N LEU A 220 -8.19 -2.39 5.47
CA LEU A 220 -9.54 -2.97 5.50
C LEU A 220 -10.60 -2.10 6.16
N SER A 221 -10.28 -1.43 7.26
CA SER A 221 -11.29 -0.61 7.93
C SER A 221 -11.54 0.75 7.29
N GLN A 222 -10.47 1.39 6.83
CA GLN A 222 -10.57 2.71 6.24
C GLN A 222 -10.52 2.67 4.72
N GLY A 223 -10.05 1.55 4.16
CA GLY A 223 -9.93 1.43 2.71
C GLY A 223 -8.63 2.10 2.27
N LEU A 224 -8.22 1.95 1.02
CA LEU A 224 -6.99 2.60 0.56
C LEU A 224 -7.32 4.06 0.51
N ARG A 225 -6.37 4.91 0.92
CA ARG A 225 -6.63 6.33 0.90
C ARG A 225 -5.43 7.13 0.42
N ILE A 226 -5.69 8.36 -0.02
CA ILE A 226 -4.64 9.25 -0.51
C ILE A 226 -3.99 9.92 0.71
N ALA A 227 -2.76 10.36 0.56
CA ALA A 227 -2.07 11.00 1.68
C ALA A 227 -2.82 12.28 2.09
N PRO A 228 -2.74 12.64 3.38
CA PRO A 228 -3.42 13.83 3.91
C PRO A 228 -2.90 15.17 3.34
N PRO A 229 -3.69 16.22 3.52
CA PRO A 229 -3.38 17.59 3.05
C PRO A 229 -2.00 18.10 3.46
N GLU A 230 -1.52 17.64 4.62
CA GLU A 230 -0.22 18.07 5.15
C GLU A 230 1.01 17.48 4.45
N ALA A 231 0.86 16.28 3.88
CA ALA A 231 1.96 15.62 3.22
C ALA A 231 2.51 16.38 2.01
N PRO A 232 3.84 16.43 1.84
CA PRO A 232 4.35 17.15 0.67
C PRO A 232 3.98 16.39 -0.61
N VAL A 233 3.52 17.12 -1.62
CA VAL A 233 3.17 16.49 -2.89
C VAL A 233 4.39 15.80 -3.47
N THR A 234 5.57 16.28 -3.06
CA THR A 234 6.86 15.75 -3.51
C THR A 234 7.22 14.36 -2.98
N GLY A 235 6.62 13.97 -1.86
CA GLY A 235 6.89 12.66 -1.29
C GLY A 235 6.43 11.50 -2.16
N TYR A 236 5.74 11.80 -3.26
CA TYR A 236 5.19 10.80 -4.17
C TYR A 236 5.47 11.06 -5.65
N MET A 237 5.98 10.05 -6.36
CA MET A 237 6.32 10.16 -7.77
C MET A 237 5.29 10.80 -8.67
N PHE A 238 4.01 10.44 -8.53
CA PHE A 238 2.98 11.05 -9.37
C PHE A 238 1.94 11.80 -8.58
N GLY A 239 2.35 12.34 -7.44
CA GLY A 239 1.45 13.09 -6.60
C GLY A 239 0.74 12.24 -5.58
N LYS A 240 -0.19 12.86 -4.87
CA LYS A 240 -0.93 12.17 -3.84
C LYS A 240 -2.17 11.42 -4.31
N GLY A 241 -1.95 10.23 -4.86
CA GLY A 241 -3.06 9.40 -5.32
C GLY A 241 -2.95 8.03 -4.66
N ILE A 242 -3.54 7.02 -5.32
CA ILE A 242 -3.49 5.63 -4.86
C ILE A 242 -2.76 4.86 -5.96
N TYR A 243 -1.70 4.15 -5.62
CA TYR A 243 -0.91 3.44 -6.63
C TYR A 243 -1.24 1.96 -6.79
N PHE A 244 -1.14 1.50 -8.04
CA PHE A 244 -1.42 0.12 -8.44
C PHE A 244 -0.44 -0.29 -9.53
N ALA A 245 -0.35 -1.59 -9.78
CA ALA A 245 0.55 -2.13 -10.80
C ALA A 245 -0.17 -3.24 -11.54
N ASP A 246 0.39 -3.64 -12.69
CA ASP A 246 -0.19 -4.74 -13.47
C ASP A 246 0.73 -5.97 -13.44
N MET A 247 1.91 -5.83 -12.85
CA MET A 247 2.89 -6.91 -12.68
C MET A 247 2.88 -7.24 -11.17
N VAL A 248 2.59 -8.49 -10.81
CA VAL A 248 2.53 -8.89 -9.41
C VAL A 248 3.86 -8.59 -8.75
N SER A 249 4.92 -8.63 -9.56
CA SER A 249 6.29 -8.36 -9.14
C SER A 249 6.49 -6.99 -8.53
N LYS A 250 6.03 -5.97 -9.24
CA LYS A 250 6.17 -4.60 -8.76
C LYS A 250 5.53 -4.37 -7.40
N SER A 251 4.28 -4.79 -7.26
CA SER A 251 3.56 -4.62 -6.01
C SER A 251 4.15 -5.49 -4.89
N ALA A 252 4.45 -6.73 -5.22
CA ALA A 252 4.98 -7.67 -4.25
C ALA A 252 6.15 -7.07 -3.45
N ASN A 253 6.98 -6.28 -4.11
CA ASN A 253 8.11 -5.63 -3.45
C ASN A 253 7.72 -4.68 -2.33
N TYR A 254 6.51 -4.14 -2.38
CA TYR A 254 6.02 -3.21 -1.36
C TYR A 254 5.47 -3.93 -0.15
N CYS A 255 5.52 -5.26 -0.18
CA CYS A 255 5.07 -6.08 0.93
C CYS A 255 6.18 -6.10 2.00
N HIS A 256 7.40 -5.85 1.56
CA HIS A 256 8.55 -5.82 2.45
C HIS A 256 8.76 -7.10 3.24
N THR A 257 8.78 -8.22 2.52
CA THR A 257 9.00 -9.51 3.14
C THR A 257 10.51 -9.79 3.06
N SER A 258 10.92 -10.94 3.60
CA SER A 258 12.33 -11.34 3.58
C SER A 258 12.45 -12.82 3.85
N GLN A 259 13.68 -13.32 3.77
CA GLN A 259 13.97 -14.74 4.02
C GLN A 259 13.47 -15.08 5.43
N ALA A 260 13.68 -14.15 6.36
CA ALA A 260 13.26 -14.29 7.74
C ALA A 260 11.75 -14.13 8.01
N ASP A 261 11.04 -13.43 7.14
CA ASP A 261 9.59 -13.22 7.30
C ASP A 261 9.04 -13.23 5.87
N PRO A 262 8.80 -14.43 5.34
CA PRO A 262 8.31 -14.69 3.99
C PRO A 262 6.83 -14.60 3.58
N ILE A 263 5.90 -14.41 4.50
CA ILE A 263 4.50 -14.30 4.10
C ILE A 263 4.07 -12.83 3.99
N GLY A 264 3.56 -12.48 2.81
CA GLY A 264 3.07 -11.12 2.57
C GLY A 264 1.63 -11.14 2.14
N LEU A 265 0.96 -9.99 2.27
CA LEU A 265 -0.42 -9.84 1.84
C LEU A 265 -0.43 -8.88 0.64
N ILE A 266 -1.32 -9.13 -0.30
CA ILE A 266 -1.41 -8.27 -1.48
C ILE A 266 -2.85 -8.16 -1.92
N LEU A 267 -3.23 -6.97 -2.39
CA LEU A 267 -4.59 -6.72 -2.81
C LEU A 267 -4.79 -6.69 -4.32
N LEU A 268 -5.99 -7.06 -4.73
CA LEU A 268 -6.40 -6.97 -6.12
C LEU A 268 -7.63 -6.06 -6.07
N GLY A 269 -7.52 -4.90 -6.67
CA GLY A 269 -8.65 -3.99 -6.64
C GLY A 269 -9.14 -3.63 -8.02
N GLU A 270 -10.45 -3.40 -8.13
CA GLU A 270 -11.01 -3.00 -9.40
C GLU A 270 -10.80 -1.50 -9.43
N VAL A 271 -10.11 -1.00 -10.45
CA VAL A 271 -9.87 0.44 -10.53
C VAL A 271 -10.34 1.08 -11.82
N ALA A 272 -11.24 2.06 -11.65
CA ALA A 272 -11.83 2.84 -12.74
C ALA A 272 -10.81 3.82 -13.30
N LEU A 273 -10.05 3.37 -14.29
CA LEU A 273 -9.03 4.19 -14.91
C LEU A 273 -9.52 5.21 -15.92
N GLY A 274 -10.52 4.85 -16.72
CA GLY A 274 -11.05 5.76 -17.74
C GLY A 274 -9.97 6.20 -18.72
N ASN A 275 -9.94 7.48 -19.07
CA ASN A 275 -8.91 7.98 -19.96
C ASN A 275 -7.68 8.28 -19.14
N MET A 276 -6.63 7.55 -19.43
CA MET A 276 -5.40 7.71 -18.70
C MET A 276 -4.48 8.78 -19.28
N TYR A 277 -3.90 9.56 -18.38
CA TYR A 277 -2.95 10.60 -18.73
C TYR A 277 -1.59 9.90 -18.63
N GLU A 278 -1.06 9.46 -19.78
CA GLU A 278 0.21 8.71 -19.84
C GLU A 278 1.51 9.52 -19.69
N LEU A 279 2.36 9.12 -18.73
CA LEU A 279 3.63 9.79 -18.45
C LEU A 279 4.85 8.88 -18.53
N LYS A 280 5.99 9.43 -18.92
CA LYS A 280 7.22 8.64 -19.06
C LYS A 280 8.23 8.93 -17.94
N ASN A 281 7.95 9.98 -17.18
CA ASN A 281 8.80 10.43 -16.08
C ASN A 281 7.92 10.98 -14.96
N ALA A 282 8.51 11.15 -13.77
CA ALA A 282 7.77 11.66 -12.62
C ALA A 282 7.18 13.05 -12.85
N SER A 283 6.08 13.32 -12.15
CA SER A 283 5.39 14.59 -12.24
C SER A 283 4.47 14.72 -11.03
N HIS A 284 4.77 15.68 -10.16
CA HIS A 284 4.01 15.89 -8.94
C HIS A 284 2.66 16.55 -9.16
N ILE A 285 1.82 15.79 -9.85
CA ILE A 285 0.46 16.15 -10.23
C ILE A 285 -0.43 16.60 -9.09
N THR A 286 -1.10 17.72 -9.34
CA THR A 286 -2.03 18.32 -8.41
C THR A 286 -3.39 18.28 -9.11
N LYS A 287 -3.39 18.78 -10.33
CA LYS A 287 -4.59 18.83 -11.14
C LYS A 287 -4.49 17.77 -12.23
N LEU A 288 -5.64 17.16 -12.53
CA LEU A 288 -5.68 16.16 -13.58
C LEU A 288 -6.26 16.91 -14.79
N PRO A 289 -5.63 16.77 -15.97
CA PRO A 289 -6.11 17.44 -17.19
C PRO A 289 -7.57 17.11 -17.48
N LYS A 290 -8.31 18.06 -18.05
CA LYS A 290 -9.71 17.84 -18.37
C LYS A 290 -9.81 16.61 -19.25
N GLY A 291 -10.71 15.70 -18.88
CA GLY A 291 -10.91 14.49 -19.65
C GLY A 291 -10.05 13.30 -19.28
N LYS A 292 -9.20 13.46 -18.28
CA LYS A 292 -8.36 12.36 -17.82
C LYS A 292 -8.91 11.91 -16.48
N HIS A 293 -8.90 10.60 -16.24
CA HIS A 293 -9.44 10.05 -14.99
C HIS A 293 -8.36 9.43 -14.10
N SER A 294 -7.20 9.16 -14.66
CA SER A 294 -6.12 8.55 -13.90
C SER A 294 -4.81 8.86 -14.55
N VAL A 295 -3.72 8.41 -13.93
CA VAL A 295 -2.39 8.58 -14.49
C VAL A 295 -1.78 7.21 -14.77
N LYS A 296 -1.03 7.11 -15.86
CA LYS A 296 -0.36 5.87 -16.16
C LYS A 296 1.12 6.09 -16.48
N GLY A 297 1.98 5.67 -15.56
CA GLY A 297 3.41 5.75 -15.79
C GLY A 297 3.72 4.57 -16.68
N LEU A 298 4.30 4.83 -17.86
CA LEU A 298 4.64 3.80 -18.84
C LEU A 298 5.95 3.06 -18.53
N GLY A 299 5.95 1.75 -18.69
CA GLY A 299 7.15 0.99 -18.41
C GLY A 299 7.66 0.26 -19.62
N LYS A 300 8.89 -0.23 -19.54
CA LYS A 300 9.53 -0.98 -20.62
C LYS A 300 8.92 -2.36 -20.79
N THR A 301 8.29 -2.86 -19.72
CA THR A 301 7.67 -4.18 -19.77
C THR A 301 6.24 -4.08 -19.23
N ALA A 302 5.36 -4.93 -19.76
CA ALA A 302 3.96 -4.95 -19.36
C ALA A 302 3.35 -6.27 -19.81
N PRO A 303 2.22 -6.66 -19.22
CA PRO A 303 1.62 -7.92 -19.65
C PRO A 303 1.21 -7.84 -21.14
N ASP A 304 1.31 -8.99 -21.80
CA ASP A 304 0.98 -9.11 -23.21
C ASP A 304 -0.48 -8.76 -23.37
N PRO A 305 -0.78 -7.66 -24.10
CA PRO A 305 -2.16 -7.22 -24.32
C PRO A 305 -3.04 -8.27 -25.01
N THR A 306 -2.39 -9.24 -25.63
CA THR A 306 -3.03 -10.37 -26.32
C THR A 306 -3.85 -11.25 -25.35
N ALA A 307 -3.19 -11.64 -24.27
CA ALA A 307 -3.76 -12.51 -23.23
C ALA A 307 -4.75 -11.90 -22.25
N THR A 308 -5.05 -10.62 -22.38
CA THR A 308 -5.97 -9.93 -21.46
C THR A 308 -7.39 -10.54 -21.42
N THR A 309 -7.83 -10.99 -20.24
CA THR A 309 -9.16 -11.57 -20.05
C THR A 309 -10.05 -10.62 -19.24
N THR A 310 -11.25 -11.06 -19.00
CA THR A 310 -12.24 -10.32 -18.24
C THR A 310 -12.70 -11.21 -17.10
N LEU A 311 -13.10 -10.59 -16.01
CA LEU A 311 -13.58 -11.32 -14.85
C LEU A 311 -14.66 -10.42 -14.34
N ASP A 312 -15.92 -10.80 -14.56
CA ASP A 312 -17.07 -10.02 -14.13
C ASP A 312 -17.05 -8.62 -14.81
N GLY A 313 -16.62 -8.58 -16.06
CA GLY A 313 -16.58 -7.34 -16.81
C GLY A 313 -15.39 -6.42 -16.59
N VAL A 314 -14.45 -6.85 -15.76
CA VAL A 314 -13.27 -6.05 -15.46
C VAL A 314 -12.11 -6.71 -16.17
N GLU A 315 -11.29 -5.90 -16.83
CA GLU A 315 -10.12 -6.41 -17.55
C GLU A 315 -9.01 -6.88 -16.63
N VAL A 316 -8.49 -8.07 -16.92
CA VAL A 316 -7.41 -8.67 -16.15
C VAL A 316 -6.20 -8.85 -17.07
N PRO A 317 -5.17 -8.00 -16.91
CA PRO A 317 -3.94 -8.04 -17.72
C PRO A 317 -3.01 -9.21 -17.31
N LEU A 318 -3.52 -10.43 -17.41
CA LEU A 318 -2.73 -11.60 -16.99
C LEU A 318 -1.70 -12.12 -17.98
N GLY A 319 -1.44 -11.35 -19.03
CA GLY A 319 -0.46 -11.76 -20.03
C GLY A 319 0.96 -11.83 -19.50
N ASN A 320 1.85 -12.45 -20.28
CA ASN A 320 3.24 -12.55 -19.88
C ASN A 320 3.98 -11.24 -20.09
N GLY A 321 5.00 -11.01 -19.28
CA GLY A 321 5.79 -9.79 -19.37
C GLY A 321 6.45 -9.59 -20.71
N ILE A 322 5.80 -8.81 -21.56
CA ILE A 322 6.29 -8.51 -22.91
C ILE A 322 6.85 -7.09 -22.89
N SER A 323 7.95 -6.87 -23.59
CA SER A 323 8.52 -5.52 -23.62
C SER A 323 7.71 -4.63 -24.56
N THR A 324 7.41 -3.42 -24.08
CA THR A 324 6.63 -2.45 -24.84
C THR A 324 7.57 -1.64 -25.73
N GLY A 325 7.03 -1.14 -26.83
CA GLY A 325 7.82 -0.38 -27.79
C GLY A 325 8.43 0.91 -27.30
N ILE A 326 8.04 1.36 -26.11
CA ILE A 326 8.57 2.60 -25.57
C ILE A 326 9.93 2.41 -24.90
N ASN A 327 10.88 3.25 -25.30
CA ASN A 327 12.25 3.20 -24.80
C ASN A 327 12.68 4.43 -24.00
N ASP A 328 12.07 5.56 -24.28
CA ASP A 328 12.39 6.83 -23.63
C ASP A 328 11.71 7.02 -22.28
N THR A 329 11.43 5.91 -21.59
CA THR A 329 10.78 5.95 -20.29
C THR A 329 11.68 5.60 -19.11
N CYS A 330 11.43 6.26 -17.99
CA CYS A 330 12.20 6.04 -16.76
C CYS A 330 11.75 4.80 -16.01
N LEU A 331 10.48 4.43 -16.18
CA LEU A 331 9.91 3.28 -15.49
C LEU A 331 10.18 1.93 -16.13
N LEU A 332 10.42 0.93 -15.30
CA LEU A 332 10.67 -0.44 -15.79
C LEU A 332 9.34 -1.12 -15.99
N TYR A 333 8.37 -0.76 -15.14
CA TYR A 333 7.02 -1.33 -15.15
C TYR A 333 5.97 -0.23 -15.03
N ASN A 334 4.74 -0.54 -15.44
CA ASN A 334 3.64 0.42 -15.40
C ASN A 334 3.19 0.70 -13.98
N GLU A 335 2.65 1.88 -13.78
CA GLU A 335 2.13 2.32 -12.50
C GLU A 335 0.83 3.02 -12.81
N TYR A 336 -0.21 2.75 -12.04
CA TYR A 336 -1.48 3.40 -12.27
C TYR A 336 -1.85 4.17 -11.01
N ILE A 337 -2.25 5.41 -11.20
CA ILE A 337 -2.64 6.25 -10.10
C ILE A 337 -4.02 6.88 -10.26
N VAL A 338 -4.85 6.74 -9.23
CA VAL A 338 -6.16 7.36 -9.19
C VAL A 338 -6.10 8.42 -8.07
N TYR A 339 -6.79 9.53 -8.26
CA TYR A 339 -6.73 10.60 -7.27
C TYR A 339 -8.00 10.78 -6.52
N ASP A 340 -8.86 9.78 -6.60
CA ASP A 340 -10.13 9.82 -5.89
C ASP A 340 -10.32 8.43 -5.28
N VAL A 341 -10.48 8.44 -3.96
CA VAL A 341 -10.67 7.26 -3.16
C VAL A 341 -11.87 6.40 -3.63
N ALA A 342 -12.86 7.03 -4.27
CA ALA A 342 -14.03 6.30 -4.78
C ALA A 342 -13.75 5.59 -6.10
N GLN A 343 -12.58 5.83 -6.69
CA GLN A 343 -12.25 5.20 -7.97
C GLN A 343 -11.76 3.77 -7.87
N VAL A 344 -11.72 3.24 -6.64
CA VAL A 344 -11.29 1.86 -6.43
C VAL A 344 -12.26 1.09 -5.54
N ASN A 345 -12.42 -0.18 -5.89
CA ASN A 345 -13.28 -1.10 -5.20
C ASN A 345 -12.43 -2.36 -4.96
N LEU A 346 -12.03 -2.60 -3.71
CA LEU A 346 -11.21 -3.76 -3.40
C LEU A 346 -12.01 -5.05 -3.59
N LYS A 347 -11.34 -6.05 -4.16
CA LYS A 347 -11.95 -7.33 -4.47
C LYS A 347 -11.37 -8.56 -3.77
N TYR A 348 -10.07 -8.74 -3.87
CA TYR A 348 -9.43 -9.90 -3.28
C TYR A 348 -8.23 -9.52 -2.45
N LEU A 349 -7.87 -10.40 -1.52
CA LEU A 349 -6.70 -10.24 -0.67
C LEU A 349 -6.04 -11.60 -0.82
N LEU A 350 -4.77 -11.61 -1.20
CA LEU A 350 -4.02 -12.86 -1.36
C LEU A 350 -2.92 -12.98 -0.29
N LYS A 351 -2.78 -14.19 0.24
CA LYS A 351 -1.77 -14.50 1.24
C LYS A 351 -0.69 -15.12 0.37
N LEU A 352 0.44 -14.44 0.24
CA LEU A 352 1.53 -14.94 -0.59
C LEU A 352 2.69 -15.46 0.25
N LYS A 353 3.40 -16.43 -0.30
CA LYS A 353 4.59 -17.02 0.32
C LYS A 353 5.76 -16.76 -0.63
N PHE A 354 6.65 -15.85 -0.23
CA PHE A 354 7.82 -15.49 -1.00
C PHE A 354 8.90 -16.54 -0.80
N ASN A 355 9.23 -17.26 -1.87
CA ASN A 355 10.28 -18.24 -1.74
C ASN A 355 11.58 -17.65 -2.27
N TYR A 356 12.49 -17.34 -1.36
CA TYR A 356 13.77 -16.77 -1.72
C TYR A 356 14.83 -17.75 -2.19
N LYS A 357 15.49 -17.38 -3.29
CA LYS A 357 16.55 -18.19 -3.91
C LYS A 357 17.81 -18.12 -3.03
N THR A 358 18.24 -19.28 -2.54
CA THR A 358 19.40 -19.35 -1.66
C THR A 358 20.39 -20.45 -2.04
C3 3MB B . 3.84 2.08 -6.40
O3 3MB B . 4.60 3.24 -6.15
C7 3MB B . 4.62 3.87 -4.85
C2 3MB B . 3.32 1.27 -5.36
C1 3MB B . 2.57 0.11 -5.66
C 3MB B . 2.02 -0.75 -4.55
O 3MB B . 1.41 -1.80 -4.82
N 3MB B . 2.18 -0.37 -3.27
C6 3MB B . 2.34 -0.25 -7.02
C5 3MB B . 2.86 0.56 -8.04
C4 3MB B . 3.60 1.71 -7.74
#